data_4C7T
#
_entry.id   4C7T
#
_cell.length_a   44.370
_cell.length_b   45.280
_cell.length_c   66.660
_cell.angle_alpha   90.00
_cell.angle_beta   95.11
_cell.angle_gamma   90.00
#
_symmetry.space_group_name_H-M   'P 1 21 1'
#
loop_
_entity.id
_entity.type
_entity.pdbx_description
1 polymer 'FOCAL ADHESION KINASE 1'
2 non-polymer N-methyl-2-[[4-[(3,4,5-trimethoxyphenyl)amino]-1,3,5-triazin-2-yl]amino]benzamide
3 non-polymer 'SULFATE ION'
4 water water
#
_entity_poly.entity_id   1
_entity_poly.type   'polypeptide(L)'
_entity_poly.pdbx_seq_one_letter_code
;STRDYEIQRERIELGRCIGEGQFGDVHQGIYMSPENPAMAVAIKTCKNCTSDSVREKFLQEALTMRQFDHPHIVKLIGVI
TENPVWIIMELCTLGELRSFLQVRKFSLDLASLILYAYQLSTALAYLESKRFVHRDIAARNVLVSATDCVKLGDFGLSRY
MEDSTYYKASKGKLPIKWMAPESINFRRFTSASDVWMFGVCMWEILMHGVKPFQGVKNNDVIGRIENGERLPMPPNCPPT
LYSLMTKCWAYDPSRRPRFTELKAQLSTILEEEKLQ
;
_entity_poly.pdbx_strand_id   A
#
# COMPACT_ATOMS: atom_id res chain seq x y z
N ASP A 4 3.49 22.57 13.53
CA ASP A 4 2.19 23.07 13.01
C ASP A 4 1.93 22.51 11.62
N TYR A 5 0.86 21.72 11.50
CA TYR A 5 0.51 21.06 10.24
C TYR A 5 -0.52 21.83 9.42
N GLU A 6 -1.05 22.91 9.98
CA GLU A 6 -2.01 23.75 9.28
C GLU A 6 -1.32 24.50 8.13
N ILE A 7 -1.90 24.39 6.94
CA ILE A 7 -1.37 25.06 5.74
C ILE A 7 -2.35 26.11 5.22
N GLN A 8 -1.80 27.26 4.81
CA GLN A 8 -2.58 28.31 4.14
C GLN A 8 -3.06 27.85 2.76
N ARG A 9 -4.36 28.00 2.52
CA ARG A 9 -4.96 27.49 1.28
C ARG A 9 -4.30 28.04 0.02
N GLU A 10 -3.95 29.33 0.03
CA GLU A 10 -3.30 29.98 -1.13
C GLU A 10 -1.91 29.42 -1.48
N ARG A 11 -1.37 28.56 -0.62
CA ARG A 11 -0.09 27.89 -0.91
C ARG A 11 -0.29 26.65 -1.79
N ILE A 12 -1.54 26.25 -1.92
CA ILE A 12 -1.91 25.05 -2.65
C ILE A 12 -2.56 25.42 -3.98
N GLU A 13 -2.05 24.83 -5.05
CA GLU A 13 -2.72 24.91 -6.35
C GLU A 13 -3.30 23.54 -6.69
N LEU A 14 -4.61 23.51 -6.90
CA LEU A 14 -5.31 22.26 -7.19
C LEU A 14 -5.12 21.88 -8.66
N GLY A 15 -4.78 20.63 -8.90
CA GLY A 15 -4.61 20.12 -10.26
C GLY A 15 -5.66 19.07 -10.59
N ARG A 16 -5.34 18.20 -11.54
CA ARG A 16 -6.27 17.15 -11.99
C ARG A 16 -6.55 16.10 -10.89
N CYS A 17 -7.75 15.51 -10.93
CA CYS A 17 -8.06 14.44 -9.99
CA CYS A 17 -8.12 14.42 -10.05
C CYS A 17 -7.33 13.16 -10.38
N ILE A 18 -6.84 12.48 -9.36
CA ILE A 18 -6.07 11.26 -9.55
C ILE A 18 -6.77 10.05 -8.95
N GLY A 19 -8.02 10.26 -8.51
CA GLY A 19 -8.84 9.19 -7.96
C GLY A 19 -9.77 9.76 -6.90
N GLU A 20 -10.25 8.89 -6.01
CA GLU A 20 -11.16 9.29 -4.95
C GLU A 20 -11.21 8.30 -3.79
N GLY A 21 -11.71 8.77 -2.65
CA GLY A 21 -11.89 7.92 -1.48
C GLY A 21 -13.27 8.13 -0.89
N GLN A 22 -13.49 7.55 0.29
CA GLN A 22 -14.78 7.60 0.98
C GLN A 22 -15.36 9.02 1.09
N PHE A 23 -14.51 9.98 1.43
CA PHE A 23 -14.93 11.33 1.77
C PHE A 23 -15.01 12.31 0.59
N GLY A 24 -14.30 12.02 -0.50
CA GLY A 24 -14.30 12.89 -1.67
C GLY A 24 -13.22 12.60 -2.69
N ASP A 25 -13.03 13.52 -3.63
CA ASP A 25 -12.03 13.38 -4.68
C ASP A 25 -10.63 13.59 -4.15
N VAL A 26 -9.67 12.90 -4.76
CA VAL A 26 -8.26 13.16 -4.55
C VAL A 26 -7.69 13.82 -5.81
N HIS A 27 -6.89 14.87 -5.59
CA HIS A 27 -6.28 15.66 -6.66
C HIS A 27 -4.75 15.60 -6.55
N GLN A 28 -4.06 15.72 -7.67
CA GLN A 28 -2.64 16.08 -7.60
C GLN A 28 -2.60 17.60 -7.60
N GLY A 29 -1.53 18.16 -7.08
CA GLY A 29 -1.34 19.60 -7.14
C GLY A 29 0.03 20.04 -6.72
N ILE A 30 0.13 21.31 -6.35
CA ILE A 30 1.39 21.89 -5.97
C ILE A 30 1.27 22.58 -4.60
N TYR A 31 2.28 22.39 -3.77
CA TYR A 31 2.46 23.17 -2.57
C TYR A 31 3.62 24.17 -2.80
N MET A 32 3.28 25.44 -2.72
CA MET A 32 4.22 26.54 -2.97
C MET A 32 4.59 27.19 -1.65
N SER A 33 5.85 27.59 -1.53
CA SER A 33 6.31 28.37 -0.39
C SER A 33 7.45 29.26 -0.85
N PRO A 34 7.53 30.50 -0.32
CA PRO A 34 8.56 31.44 -0.75
C PRO A 34 9.97 30.87 -0.58
N GLU A 35 10.84 31.21 -1.54
CA GLU A 35 12.24 30.76 -1.59
C GLU A 35 12.46 29.28 -1.95
N ASN A 36 11.38 28.50 -1.99
CA ASN A 36 11.48 27.07 -2.26
C ASN A 36 10.92 26.63 -3.62
N PRO A 37 11.39 25.48 -4.15
CA PRO A 37 10.75 24.94 -5.35
C PRO A 37 9.33 24.45 -5.03
N ALA A 38 8.44 24.59 -6.00
CA ALA A 38 7.10 24.05 -5.91
C ALA A 38 7.17 22.56 -5.65
N MET A 39 6.47 22.10 -4.61
CA MET A 39 6.48 20.70 -4.20
C MET A 39 5.20 20.02 -4.68
N ALA A 40 5.33 18.94 -5.46
CA ALA A 40 4.18 18.17 -5.91
C ALA A 40 3.50 17.43 -4.76
N VAL A 41 2.18 17.53 -4.71
CA VAL A 41 1.42 16.97 -3.59
C VAL A 41 0.14 16.30 -4.07
N ALA A 42 -0.35 15.36 -3.26
CA ALA A 42 -1.68 14.79 -3.44
C ALA A 42 -2.58 15.48 -2.41
N ILE A 43 -3.83 15.74 -2.79
CA ILE A 43 -4.77 16.52 -2.00
C ILE A 43 -6.09 15.76 -1.86
N LYS A 44 -6.36 15.26 -0.65
CA LYS A 44 -7.64 14.63 -0.36
C LYS A 44 -8.62 15.70 0.02
N THR A 45 -9.78 15.68 -0.62
CA THR A 45 -10.84 16.65 -0.34
C THR A 45 -12.03 15.95 0.34
N CYS A 46 -12.91 16.75 0.92
CA CYS A 46 -14.09 16.24 1.62
C CYS A 46 -15.32 16.99 1.12
N LYS A 47 -16.13 16.32 0.30
CA LYS A 47 -17.45 16.83 -0.07
C LYS A 47 -18.30 16.71 1.19
N ASN A 48 -18.75 17.84 1.72
CA ASN A 48 -19.50 17.92 2.99
C ASN A 48 -18.70 17.61 4.29
N CYS A 49 -17.50 18.20 4.37
CA CYS A 49 -16.81 18.35 5.65
C CYS A 49 -17.61 19.36 6.48
N THR A 50 -16.99 19.86 7.56
CA THR A 50 -17.64 20.81 8.48
C THR A 50 -18.51 20.06 9.47
N SER A 51 -19.52 19.34 8.97
CA SER A 51 -20.34 18.47 9.80
C SER A 51 -19.35 17.69 10.63
N ASP A 52 -19.37 17.96 11.93
CA ASP A 52 -18.24 17.64 12.81
C ASP A 52 -17.88 16.15 12.90
N SER A 53 -18.88 15.27 12.74
CA SER A 53 -18.63 13.85 12.71
C SER A 53 -17.83 13.47 11.46
N VAL A 54 -18.33 13.90 10.29
CA VAL A 54 -17.70 13.57 9.02
C VAL A 54 -16.31 14.21 8.92
N ARG A 55 -16.22 15.49 9.30
CA ARG A 55 -14.95 16.22 9.35
C ARG A 55 -13.95 15.56 10.30
N GLU A 56 -14.43 15.09 11.45
CA GLU A 56 -13.58 14.38 12.42
C GLU A 56 -13.02 13.05 11.89
N LYS A 57 -13.88 12.30 11.18
CA LYS A 57 -13.47 11.01 10.60
C LYS A 57 -12.42 11.20 9.52
N PHE A 58 -12.69 12.16 8.64
CA PHE A 58 -11.80 12.52 7.56
C PHE A 58 -10.44 12.93 8.11
N LEU A 59 -10.44 13.83 9.10
CA LEU A 59 -9.19 14.35 9.67
C LEU A 59 -8.44 13.31 10.50
N GLN A 60 -9.15 12.32 11.04
CA GLN A 60 -8.48 11.22 11.74
C GLN A 60 -7.54 10.46 10.81
N GLU A 61 -7.83 10.46 9.52
CA GLU A 61 -6.96 9.82 8.53
C GLU A 61 -5.61 10.53 8.42
N ALA A 62 -5.64 11.85 8.53
CA ALA A 62 -4.42 12.64 8.58
C ALA A 62 -3.63 12.31 9.86
N LEU A 63 -4.32 12.20 10.98
CA LEU A 63 -3.69 11.88 12.27
C LEU A 63 -3.06 10.48 12.26
N THR A 64 -3.68 9.56 11.53
CA THR A 64 -3.11 8.22 11.34
C THR A 64 -1.74 8.29 10.64
N MET A 65 -1.67 9.07 9.56
CA MET A 65 -0.43 9.18 8.78
C MET A 65 0.66 9.98 9.50
N ARG A 66 0.24 10.93 10.33
CA ARG A 66 1.13 11.79 11.11
C ARG A 66 2.13 11.00 11.99
N GLN A 67 1.67 9.92 12.59
CA GLN A 67 2.48 9.18 13.56
C GLN A 67 3.62 8.35 12.92
N PHE A 68 3.66 8.28 11.59
CA PHE A 68 4.66 7.48 10.87
C PHE A 68 5.63 8.35 10.05
N ASP A 69 6.89 7.95 10.11
CA ASP A 69 7.97 8.68 9.47
C ASP A 69 8.87 7.63 8.84
N HIS A 70 8.56 7.26 7.58
CA HIS A 70 9.33 6.21 6.91
C HIS A 70 9.52 6.48 5.42
N PRO A 71 10.73 6.20 4.90
CA PRO A 71 11.02 6.43 3.50
C PRO A 71 10.02 5.78 2.53
N HIS A 72 9.38 4.67 2.93
CA HIS A 72 8.48 3.94 2.02
C HIS A 72 6.99 3.94 2.39
N ILE A 73 6.58 5.03 3.02
CA ILE A 73 5.21 5.28 3.41
C ILE A 73 4.98 6.73 3.05
N VAL A 74 3.88 7.02 2.37
CA VAL A 74 3.61 8.40 1.99
C VAL A 74 3.47 9.29 3.23
N LYS A 75 4.00 10.51 3.13
CA LYS A 75 4.09 11.41 4.27
C LYS A 75 2.93 12.41 4.28
N LEU A 76 2.46 12.74 5.47
CA LEU A 76 1.58 13.88 5.67
C LEU A 76 2.37 15.17 5.51
N ILE A 77 1.88 16.07 4.65
CA ILE A 77 2.46 17.40 4.54
C ILE A 77 1.69 18.35 5.45
N GLY A 78 0.36 18.36 5.35
CA GLY A 78 -0.39 19.21 6.26
C GLY A 78 -1.87 19.13 5.99
N VAL A 79 -2.61 19.98 6.69
CA VAL A 79 -4.06 19.98 6.60
C VAL A 79 -4.54 21.40 6.45
N ILE A 80 -5.76 21.55 5.93
CA ILE A 80 -6.45 22.82 5.91
C ILE A 80 -7.79 22.54 6.59
N THR A 81 -7.96 23.10 7.79
CA THR A 81 -9.08 22.71 8.64
C THR A 81 -10.33 23.59 8.46
N GLU A 82 -10.26 24.54 7.54
CA GLU A 82 -11.42 25.35 7.17
C GLU A 82 -12.11 24.74 5.95
N ASN A 83 -13.39 25.06 5.79
CA ASN A 83 -14.19 24.50 4.71
C ASN A 83 -13.90 25.13 3.35
N PRO A 84 -13.65 24.28 2.31
CA PRO A 84 -13.63 22.81 2.35
C PRO A 84 -12.30 22.22 2.86
N VAL A 85 -12.42 21.22 3.74
CA VAL A 85 -11.27 20.65 4.46
C VAL A 85 -10.43 19.75 3.55
N TRP A 86 -9.12 20.00 3.50
CA TRP A 86 -8.21 19.23 2.66
C TRP A 86 -7.10 18.60 3.49
N ILE A 87 -6.66 17.42 3.09
CA ILE A 87 -5.44 16.83 3.65
C ILE A 87 -4.41 16.84 2.54
N ILE A 88 -3.22 17.34 2.83
CA ILE A 88 -2.17 17.45 1.83
C ILE A 88 -1.13 16.38 2.09
N MET A 89 -0.87 15.55 1.08
CA MET A 89 0.10 14.46 1.23
C MET A 89 1.22 14.60 0.20
N GLU A 90 2.34 13.93 0.48
CA GLU A 90 3.43 13.75 -0.49
C GLU A 90 2.92 13.03 -1.75
N LEU A 91 3.17 13.59 -2.92
CA LEU A 91 2.76 12.95 -4.18
C LEU A 91 3.76 11.91 -4.70
N CYS A 92 3.26 10.73 -5.06
CA CYS A 92 4.07 9.78 -5.83
C CYS A 92 3.68 9.97 -7.28
N THR A 93 4.62 10.52 -8.06
CA THR A 93 4.33 11.09 -9.37
C THR A 93 4.01 10.04 -10.45
N LEU A 94 4.39 8.80 -10.21
CA LEU A 94 4.19 7.73 -11.20
C LEU A 94 2.97 6.85 -10.95
N GLY A 95 2.19 7.18 -9.93
CA GLY A 95 0.89 6.53 -9.73
C GLY A 95 0.90 5.16 -9.10
N GLU A 96 -0.14 4.39 -9.42
CA GLU A 96 -0.39 3.06 -8.84
CA GLU A 96 -0.38 3.07 -8.83
C GLU A 96 0.62 2.03 -9.34
N LEU A 97 1.07 1.16 -8.44
CA LEU A 97 2.06 0.14 -8.83
C LEU A 97 1.50 -0.83 -9.89
N ARG A 98 0.24 -1.22 -9.77
CA ARG A 98 -0.35 -2.18 -10.72
C ARG A 98 -0.26 -1.73 -12.16
N SER A 99 -0.73 -0.51 -12.43
CA SER A 99 -0.65 0.08 -13.78
C SER A 99 0.78 0.16 -14.26
N PHE A 100 1.65 0.64 -13.37
CA PHE A 100 3.06 0.81 -13.68
C PHE A 100 3.71 -0.51 -14.13
N LEU A 101 3.52 -1.58 -13.35
CA LEU A 101 4.04 -2.91 -13.71
C LEU A 101 3.49 -3.47 -15.02
N GLN A 102 2.20 -3.24 -15.28
CA GLN A 102 1.52 -3.71 -16.49
C GLN A 102 2.08 -3.09 -17.77
N VAL A 103 2.44 -1.81 -17.69
CA VAL A 103 2.92 -1.07 -18.85
C VAL A 103 4.44 -1.19 -19.04
N ARG A 104 5.18 -1.26 -17.95
CA ARG A 104 6.66 -1.32 -17.98
C ARG A 104 7.20 -2.76 -17.93
N LYS A 105 6.36 -3.73 -18.28
CA LYS A 105 6.72 -5.15 -18.24
C LYS A 105 7.98 -5.54 -19.03
N PHE A 106 8.17 -4.96 -20.21
CA PHE A 106 9.36 -5.26 -21.01
C PHE A 106 10.54 -4.32 -20.75
N SER A 107 10.43 -3.51 -19.70
CA SER A 107 11.46 -2.53 -19.35
C SER A 107 11.92 -2.68 -17.90
N LEU A 108 11.28 -3.57 -17.17
CA LEU A 108 11.71 -3.86 -15.79
C LEU A 108 12.37 -5.24 -15.71
N ASP A 109 13.51 -5.30 -15.03
CA ASP A 109 14.15 -6.59 -14.80
C ASP A 109 13.71 -7.16 -13.46
N LEU A 110 14.06 -8.41 -13.22
CA LEU A 110 13.70 -9.09 -11.98
C LEU A 110 14.23 -8.37 -10.73
N ALA A 111 15.48 -7.90 -10.78
CA ALA A 111 16.04 -7.08 -9.68
C ALA A 111 15.07 -5.97 -9.22
N SER A 112 14.44 -5.28 -10.15
CA SER A 112 13.53 -4.16 -9.79
C SER A 112 12.30 -4.61 -9.01
N LEU A 113 11.70 -5.73 -9.44
CA LEU A 113 10.51 -6.27 -8.78
C LEU A 113 10.80 -6.71 -7.35
N ILE A 114 11.93 -7.39 -7.18
CA ILE A 114 12.37 -7.81 -5.85
C ILE A 114 12.69 -6.58 -5.03
N LEU A 115 13.23 -5.55 -5.68
CA LEU A 115 13.50 -4.30 -5.00
C LEU A 115 12.22 -3.74 -4.40
N TYR A 116 11.13 -3.71 -5.19
CA TYR A 116 9.87 -3.21 -4.67
C TYR A 116 9.39 -4.02 -3.46
N ALA A 117 9.39 -5.35 -3.57
CA ALA A 117 8.99 -6.18 -2.43
C ALA A 117 9.82 -5.86 -1.19
N TYR A 118 11.14 -5.78 -1.36
CA TYR A 118 12.06 -5.45 -0.26
C TYR A 118 11.73 -4.10 0.40
N GLN A 119 11.62 -3.06 -0.42
CA GLN A 119 11.25 -1.73 0.05
C GLN A 119 9.96 -1.72 0.87
N LEU A 120 8.95 -2.42 0.38
CA LEU A 120 7.67 -2.50 1.09
C LEU A 120 7.81 -3.25 2.41
N SER A 121 8.66 -4.28 2.43
CA SER A 121 8.86 -5.05 3.65
C SER A 121 9.47 -4.20 4.74
N THR A 122 10.31 -3.22 4.37
CA THR A 122 10.94 -2.34 5.35
C THR A 122 9.85 -1.43 5.95
N ALA A 123 8.93 -0.98 5.10
CA ALA A 123 7.79 -0.17 5.59
C ALA A 123 6.94 -0.99 6.54
N LEU A 124 6.68 -2.24 6.18
CA LEU A 124 5.80 -3.10 6.98
C LEU A 124 6.44 -3.59 8.28
N ALA A 125 7.76 -3.81 8.26
CA ALA A 125 8.52 -4.09 9.52
C ALA A 125 8.51 -2.88 10.44
N TYR A 126 8.50 -1.70 9.84
CA TYR A 126 8.36 -0.45 10.58
C TYR A 126 6.99 -0.37 11.29
N LEU A 127 5.92 -0.69 10.56
CA LEU A 127 4.56 -0.70 11.13
C LEU A 127 4.38 -1.76 12.22
N GLU A 128 4.98 -2.92 11.99
CA GLU A 128 4.99 -4.02 12.95
C GLU A 128 5.59 -3.57 14.28
N SER A 129 6.68 -2.81 14.21
CA SER A 129 7.36 -2.35 15.43
C SER A 129 6.55 -1.30 16.18
N LYS A 130 5.64 -0.62 15.50
CA LYS A 130 4.75 0.35 16.14
C LYS A 130 3.45 -0.32 16.56
N ARG A 131 3.36 -1.62 16.31
CA ARG A 131 2.17 -2.45 16.59
C ARG A 131 0.95 -1.95 15.82
N PHE A 132 1.17 -1.53 14.58
CA PHE A 132 0.09 -1.05 13.73
C PHE A 132 -0.30 -2.11 12.70
N VAL A 133 -1.59 -2.45 12.66
CA VAL A 133 -2.08 -3.45 11.70
C VAL A 133 -2.75 -2.74 10.53
N HIS A 134 -2.19 -2.94 9.34
CA HIS A 134 -2.62 -2.25 8.12
C HIS A 134 -3.97 -2.75 7.62
N ARG A 135 -4.05 -4.05 7.33
CA ARG A 135 -5.29 -4.74 6.95
C ARG A 135 -5.63 -4.62 5.47
N ASP A 136 -4.86 -3.85 4.72
CA ASP A 136 -5.18 -3.56 3.32
C ASP A 136 -3.95 -3.56 2.44
N ILE A 137 -3.09 -4.57 2.66
CA ILE A 137 -1.84 -4.66 1.90
C ILE A 137 -2.13 -5.38 0.62
N ALA A 138 -1.98 -4.65 -0.48
CA ALA A 138 -2.31 -5.11 -1.83
C ALA A 138 -1.60 -4.17 -2.79
N ALA A 139 -1.30 -4.66 -4.00
CA ALA A 139 -0.58 -3.89 -5.00
C ALA A 139 -1.32 -2.61 -5.41
N ARG A 140 -2.65 -2.65 -5.33
CA ARG A 140 -3.50 -1.50 -5.64
CA ARG A 140 -3.49 -1.50 -5.64
C ARG A 140 -3.24 -0.32 -4.69
N ASN A 141 -2.63 -0.59 -3.54
CA ASN A 141 -2.41 0.44 -2.51
C ASN A 141 -0.96 0.83 -2.38
N VAL A 142 -0.15 0.31 -3.30
CA VAL A 142 1.25 0.69 -3.39
C VAL A 142 1.38 1.73 -4.51
N LEU A 143 2.21 2.75 -4.26
CA LEU A 143 2.40 3.88 -5.19
C LEU A 143 3.83 3.94 -5.65
N VAL A 144 4.06 4.56 -6.80
CA VAL A 144 5.39 4.58 -7.41
C VAL A 144 5.91 6.01 -7.35
N SER A 145 6.96 6.20 -6.55
CA SER A 145 7.60 7.49 -6.35
C SER A 145 8.68 7.73 -7.42
N ALA A 146 9.34 6.66 -7.83
CA ALA A 146 10.39 6.68 -8.86
C ALA A 146 10.57 5.25 -9.35
N THR A 147 11.20 5.06 -10.50
CA THR A 147 11.42 3.69 -10.99
C THR A 147 12.07 2.77 -9.97
N ASP A 148 12.88 3.33 -9.07
CA ASP A 148 13.54 2.51 -8.04
C ASP A 148 12.99 2.79 -6.61
N CYS A 149 11.75 3.27 -6.52
CA CYS A 149 11.19 3.63 -5.22
C CYS A 149 9.65 3.52 -5.19
N VAL A 150 9.13 2.63 -4.33
CA VAL A 150 7.67 2.50 -4.14
C VAL A 150 7.30 2.84 -2.71
N LYS A 151 6.04 3.18 -2.47
CA LYS A 151 5.58 3.52 -1.12
C LYS A 151 4.16 3.03 -0.87
N LEU A 152 3.93 2.58 0.36
CA LEU A 152 2.60 2.39 0.87
C LEU A 152 1.80 3.68 0.76
N GLY A 153 0.59 3.57 0.21
CA GLY A 153 -0.25 4.74 0.04
C GLY A 153 -0.92 5.17 1.32
N ASP A 154 -1.73 6.23 1.25
CA ASP A 154 -2.50 6.72 2.38
C ASP A 154 -3.33 5.57 2.97
N PHE A 155 -3.34 5.47 4.30
CA PHE A 155 -4.02 4.35 4.93
C PHE A 155 -5.55 4.46 4.82
N GLY A 156 -6.07 5.67 4.94
CA GLY A 156 -7.51 5.94 4.75
C GLY A 156 -8.00 5.54 3.36
N LEU A 157 -7.23 5.91 2.35
CA LEU A 157 -7.53 5.61 0.96
C LEU A 157 -7.32 4.14 0.57
N SER A 158 -6.56 3.43 1.39
CA SER A 158 -6.32 2.00 1.20
C SER A 158 -7.52 1.14 1.55
N ARG A 159 -8.49 1.74 2.23
CA ARG A 159 -9.52 0.97 2.91
C ARG A 159 -10.41 0.15 1.99
N TYR A 160 -10.16 -1.16 2.06
CA TYR A 160 -11.04 -2.29 1.63
C TYR A 160 -11.48 -2.39 0.16
N MET A 161 -11.70 -3.65 -0.26
CA MET A 161 -12.19 -3.97 -1.61
C MET A 161 -12.94 -5.30 -1.58
N LEU A 174 -14.79 -6.42 1.79
CA LEU A 174 -13.70 -7.27 2.25
C LEU A 174 -12.84 -7.75 1.10
N PRO A 175 -11.51 -7.54 1.21
CA PRO A 175 -10.62 -8.05 0.17
C PRO A 175 -10.37 -9.56 0.33
N ILE A 176 -11.39 -10.37 0.06
CA ILE A 176 -11.31 -11.81 0.32
C ILE A 176 -10.05 -12.46 -0.27
N LYS A 177 -9.74 -12.15 -1.53
CA LYS A 177 -8.62 -12.78 -2.23
C LYS A 177 -7.25 -12.45 -1.65
N TRP A 178 -7.17 -11.41 -0.83
CA TRP A 178 -5.93 -11.00 -0.18
C TRP A 178 -5.84 -11.45 1.28
N MET A 179 -6.96 -11.89 1.85
CA MET A 179 -7.04 -12.07 3.31
C MET A 179 -6.60 -13.43 3.83
N ALA A 180 -5.99 -13.40 5.01
CA ALA A 180 -5.60 -14.58 5.76
C ALA A 180 -6.84 -15.35 6.20
N PRO A 181 -6.76 -16.70 6.28
CA PRO A 181 -7.95 -17.45 6.67
C PRO A 181 -8.54 -17.02 8.02
N GLU A 182 -7.69 -16.70 8.99
CA GLU A 182 -8.18 -16.31 10.32
C GLU A 182 -8.88 -14.94 10.32
N SER A 183 -8.49 -14.09 9.36
CA SER A 183 -9.16 -12.80 9.12
C SER A 183 -10.54 -13.03 8.50
N ILE A 184 -10.60 -13.94 7.53
CA ILE A 184 -11.87 -14.32 6.88
C ILE A 184 -12.82 -15.01 7.86
N ASN A 185 -12.31 -15.99 8.61
CA ASN A 185 -13.14 -16.82 9.48
C ASN A 185 -13.53 -16.18 10.82
N PHE A 186 -12.59 -15.45 11.44
CA PHE A 186 -12.76 -15.03 12.82
C PHE A 186 -12.56 -13.53 13.01
N ARG A 187 -12.62 -12.79 11.91
CA ARG A 187 -12.36 -11.34 11.87
C ARG A 187 -11.18 -10.91 12.74
N ARG A 188 -10.12 -11.70 12.70
CA ARG A 188 -8.89 -11.43 13.42
C ARG A 188 -7.90 -10.76 12.47
N PHE A 189 -7.32 -9.65 12.92
CA PHE A 189 -6.40 -8.91 12.10
C PHE A 189 -5.17 -8.60 12.93
N THR A 190 -4.03 -9.13 12.50
CA THR A 190 -2.78 -9.00 13.24
C THR A 190 -1.65 -8.78 12.25
N SER A 191 -0.44 -8.60 12.76
CA SER A 191 0.75 -8.53 11.92
C SER A 191 0.91 -9.77 11.04
N ALA A 192 0.54 -10.92 11.57
CA ALA A 192 0.64 -12.20 10.86
C ALA A 192 -0.40 -12.32 9.74
N SER A 193 -1.57 -11.71 9.93
CA SER A 193 -2.53 -11.64 8.83
C SER A 193 -2.02 -10.65 7.78
N ASP A 194 -1.36 -9.59 8.23
CA ASP A 194 -0.70 -8.64 7.31
C ASP A 194 0.37 -9.36 6.47
N VAL A 195 1.14 -10.25 7.12
CA VAL A 195 2.15 -11.05 6.43
C VAL A 195 1.55 -11.88 5.31
N TRP A 196 0.44 -12.57 5.59
CA TRP A 196 -0.32 -13.28 4.57
C TRP A 196 -0.56 -12.34 3.38
N MET A 197 -1.14 -11.17 3.65
CA MET A 197 -1.49 -10.21 2.60
C MET A 197 -0.26 -9.79 1.82
N PHE A 198 0.83 -9.49 2.53
CA PHE A 198 2.09 -9.14 1.88
C PHE A 198 2.60 -10.23 0.94
N GLY A 199 2.46 -11.49 1.33
CA GLY A 199 2.74 -12.62 0.45
C GLY A 199 1.98 -12.53 -0.87
N VAL A 200 0.67 -12.27 -0.76
CA VAL A 200 -0.17 -12.05 -1.94
C VAL A 200 0.35 -10.86 -2.76
N CYS A 201 0.68 -9.77 -2.08
CA CYS A 201 1.22 -8.57 -2.73
C CYS A 201 2.52 -8.84 -3.50
N MET A 202 3.39 -9.69 -2.95
CA MET A 202 4.60 -10.06 -3.67
C MET A 202 4.29 -10.85 -4.95
N TRP A 203 3.33 -11.76 -4.84
CA TRP A 203 2.90 -12.54 -6.00
C TRP A 203 2.41 -11.61 -7.10
N GLU A 204 1.58 -10.62 -6.73
CA GLU A 204 1.07 -9.60 -7.68
C GLU A 204 2.23 -8.90 -8.39
N ILE A 205 3.24 -8.51 -7.62
CA ILE A 205 4.42 -7.81 -8.16
C ILE A 205 5.16 -8.66 -9.18
N LEU A 206 5.47 -9.89 -8.81
CA LEU A 206 6.13 -10.85 -9.73
C LEU A 206 5.31 -11.17 -10.96
N MET A 207 3.98 -11.12 -10.81
CA MET A 207 3.07 -11.32 -11.95
C MET A 207 2.82 -10.05 -12.78
N HIS A 208 3.60 -9.01 -12.51
CA HIS A 208 3.43 -7.70 -13.15
C HIS A 208 2.00 -7.17 -13.05
N GLY A 209 1.41 -7.29 -11.87
CA GLY A 209 0.11 -6.66 -11.61
C GLY A 209 -1.11 -7.43 -12.07
N VAL A 210 -0.98 -8.74 -12.27
CA VAL A 210 -2.15 -9.64 -12.49
C VAL A 210 -2.75 -9.88 -11.10
N LYS A 211 -4.07 -9.91 -11.05
CA LYS A 211 -4.79 -10.08 -9.78
C LYS A 211 -4.80 -11.55 -9.36
N PRO A 212 -4.74 -11.81 -8.04
CA PRO A 212 -4.82 -13.16 -7.50
C PRO A 212 -6.22 -13.76 -7.68
N PHE A 213 -6.29 -15.08 -7.92
CA PHE A 213 -7.55 -15.81 -8.04
C PHE A 213 -8.48 -15.22 -9.10
N GLN A 214 -7.89 -14.93 -10.25
CA GLN A 214 -8.62 -14.38 -11.38
C GLN A 214 -9.68 -15.39 -11.83
N GLY A 215 -10.90 -14.90 -12.06
CA GLY A 215 -12.02 -15.72 -12.54
C GLY A 215 -12.74 -16.49 -11.45
N VAL A 216 -12.18 -16.45 -10.23
CA VAL A 216 -12.68 -17.23 -9.11
C VAL A 216 -13.60 -16.37 -8.24
N LYS A 217 -14.78 -16.90 -7.90
CA LYS A 217 -15.70 -16.20 -7.00
C LYS A 217 -15.11 -16.12 -5.60
N ASN A 218 -15.36 -14.98 -4.94
CA ASN A 218 -14.90 -14.78 -3.57
C ASN A 218 -15.27 -15.91 -2.60
N ASN A 219 -16.51 -16.40 -2.70
CA ASN A 219 -17.00 -17.47 -1.83
C ASN A 219 -16.28 -18.81 -1.95
N ASP A 220 -15.74 -19.08 -3.15
CA ASP A 220 -14.99 -20.31 -3.41
C ASP A 220 -13.54 -20.20 -2.97
N VAL A 221 -13.08 -18.97 -2.74
CA VAL A 221 -11.69 -18.69 -2.40
C VAL A 221 -11.31 -19.33 -1.06
N ILE A 222 -12.15 -19.16 -0.04
CA ILE A 222 -11.87 -19.73 1.27
C ILE A 222 -11.84 -21.28 1.21
N GLY A 223 -12.73 -21.86 0.42
CA GLY A 223 -12.74 -23.30 0.15
C GLY A 223 -11.42 -23.80 -0.41
N ARG A 224 -10.85 -23.06 -1.35
CA ARG A 224 -9.56 -23.42 -1.95
C ARG A 224 -8.38 -23.35 -0.99
N ILE A 225 -8.30 -22.26 -0.20
CA ILE A 225 -7.22 -22.09 0.79
C ILE A 225 -7.30 -23.19 1.84
N GLU A 226 -8.51 -23.48 2.30
CA GLU A 226 -8.74 -24.51 3.30
C GLU A 226 -8.39 -25.90 2.77
N ASN A 227 -8.58 -26.09 1.46
CA ASN A 227 -8.13 -27.29 0.79
C ASN A 227 -6.63 -27.30 0.48
N GLY A 228 -5.91 -26.26 0.93
CA GLY A 228 -4.46 -26.19 0.79
C GLY A 228 -3.92 -25.57 -0.49
N GLU A 229 -4.81 -25.20 -1.41
CA GLU A 229 -4.38 -24.58 -2.67
C GLU A 229 -3.77 -23.21 -2.38
N ARG A 230 -2.64 -22.92 -3.04
CA ARG A 230 -2.02 -21.58 -3.01
C ARG A 230 -1.79 -21.07 -4.44
N LEU A 231 -1.61 -19.75 -4.56
CA LEU A 231 -1.22 -19.12 -5.82
C LEU A 231 0.09 -19.75 -6.35
N PRO A 232 0.15 -20.05 -7.66
CA PRO A 232 1.28 -20.80 -8.23
C PRO A 232 2.56 -19.97 -8.31
N MET A 233 3.69 -20.63 -8.57
CA MET A 233 4.95 -19.92 -8.70
C MET A 233 4.96 -19.09 -9.99
N PRO A 234 5.17 -17.76 -9.88
CA PRO A 234 5.22 -16.92 -11.06
C PRO A 234 6.36 -17.32 -11.98
N PRO A 235 6.16 -17.21 -13.31
CA PRO A 235 7.26 -17.47 -14.24
C PRO A 235 8.44 -16.54 -13.93
N ASN A 236 9.64 -17.09 -13.93
CA ASN A 236 10.85 -16.31 -13.64
C ASN A 236 10.99 -15.80 -12.21
N CYS A 237 10.10 -16.23 -11.32
CA CYS A 237 10.30 -16.03 -9.88
C CYS A 237 11.30 -17.07 -9.37
N PRO A 238 12.36 -16.62 -8.64
CA PRO A 238 13.37 -17.55 -8.10
C PRO A 238 12.82 -18.46 -6.98
N PRO A 239 13.29 -19.73 -6.92
CA PRO A 239 12.74 -20.69 -5.96
C PRO A 239 12.72 -20.21 -4.51
N THR A 240 13.85 -19.70 -4.00
CA THR A 240 13.93 -19.19 -2.63
C THR A 240 12.90 -18.10 -2.35
N LEU A 241 12.57 -17.30 -3.36
CA LEU A 241 11.56 -16.25 -3.20
C LEU A 241 10.14 -16.83 -3.15
N TYR A 242 9.86 -17.86 -3.96
CA TYR A 242 8.55 -18.51 -3.90
C TYR A 242 8.41 -19.28 -2.59
N SER A 243 9.52 -19.84 -2.14
CA SER A 243 9.57 -20.53 -0.85
C SER A 243 9.22 -19.60 0.30
N LEU A 244 9.70 -18.35 0.22
CA LEU A 244 9.42 -17.33 1.24
C LEU A 244 7.95 -16.90 1.18
N MET A 245 7.40 -16.87 -0.03
CA MET A 245 5.99 -16.55 -0.26
C MET A 245 5.06 -17.58 0.37
N THR A 246 5.39 -18.86 0.21
CA THR A 246 4.53 -19.93 0.73
C THR A 246 4.55 -19.97 2.25
N LYS A 247 5.66 -19.56 2.85
CA LYS A 247 5.76 -19.40 4.30
C LYS A 247 4.81 -18.31 4.82
N CYS A 248 4.64 -17.24 4.04
CA CYS A 248 3.68 -16.18 4.38
C CYS A 248 2.26 -16.74 4.35
N TRP A 249 2.07 -17.81 3.59
CA TRP A 249 0.74 -18.42 3.44
C TRP A 249 0.56 -19.68 4.27
N ALA A 250 1.36 -19.81 5.33
CA ALA A 250 1.12 -20.85 6.32
C ALA A 250 -0.28 -20.64 6.89
N TYR A 251 -1.04 -21.73 6.99
CA TYR A 251 -2.40 -21.64 7.50
C TYR A 251 -2.40 -21.17 8.96
N ASP A 252 -1.47 -21.72 9.73
CA ASP A 252 -1.29 -21.29 11.11
C ASP A 252 -0.42 -20.04 11.17
N PRO A 253 -0.99 -18.91 11.65
CA PRO A 253 -0.34 -17.60 11.71
C PRO A 253 1.01 -17.61 12.43
N SER A 254 1.16 -18.48 13.42
CA SER A 254 2.37 -18.55 14.23
C SER A 254 3.55 -19.17 13.46
N ARG A 255 3.26 -19.81 12.31
CA ARG A 255 4.29 -20.43 11.48
C ARG A 255 4.78 -19.49 10.39
N ARG A 256 4.14 -18.32 10.28
CA ARG A 256 4.51 -17.33 9.29
C ARG A 256 5.68 -16.51 9.83
N PRO A 257 6.61 -16.11 8.95
CA PRO A 257 7.73 -15.29 9.40
C PRO A 257 7.22 -13.90 9.78
N ARG A 258 7.94 -13.21 10.67
CA ARG A 258 7.64 -11.81 10.94
C ARG A 258 8.26 -10.93 9.85
N PHE A 259 7.77 -9.69 9.72
CA PHE A 259 8.27 -8.76 8.70
C PHE A 259 9.75 -8.46 8.88
N THR A 260 10.21 -8.55 10.11
CA THR A 260 11.62 -8.39 10.42
C THR A 260 12.44 -9.45 9.67
N GLU A 261 11.96 -10.69 9.70
CA GLU A 261 12.64 -11.80 9.02
C GLU A 261 12.52 -11.68 7.49
N LEU A 262 11.33 -11.29 7.01
CA LEU A 262 11.09 -11.06 5.58
C LEU A 262 12.05 -10.03 4.99
N LYS A 263 12.17 -8.89 5.68
CA LYS A 263 13.14 -7.84 5.31
C LYS A 263 14.55 -8.42 5.11
N ALA A 264 15.02 -9.18 6.11
CA ALA A 264 16.36 -9.79 6.07
C ALA A 264 16.51 -10.69 4.85
N GLN A 265 15.54 -11.58 4.66
CA GLN A 265 15.61 -12.57 3.58
C GLN A 265 15.41 -11.94 2.19
N LEU A 266 14.56 -10.92 2.09
CA LEU A 266 14.39 -10.20 0.82
C LEU A 266 15.66 -9.43 0.45
N SER A 267 16.34 -8.89 1.46
CA SER A 267 17.66 -8.27 1.30
C SER A 267 18.66 -9.22 0.63
N THR A 268 18.78 -10.42 1.18
CA THR A 268 19.68 -11.45 0.63
C THR A 268 19.28 -11.89 -0.78
N ILE A 269 17.99 -12.19 -0.96
CA ILE A 269 17.44 -12.60 -2.25
C ILE A 269 17.70 -11.53 -3.32
N LEU A 270 17.46 -10.27 -2.98
CA LEU A 270 17.71 -9.14 -3.86
C LEU A 270 19.18 -9.05 -4.26
N GLU A 271 20.08 -9.11 -3.26
CA GLU A 271 21.52 -9.08 -3.51
C GLU A 271 21.95 -10.24 -4.41
N GLU A 272 21.41 -11.42 -4.13
CA GLU A 272 21.63 -12.62 -4.94
C GLU A 272 21.30 -12.34 -6.40
N GLU A 273 20.13 -11.71 -6.63
CA GLU A 273 19.66 -11.39 -7.96
C GLU A 273 20.50 -10.34 -8.69
N LYS A 274 20.92 -9.30 -7.99
CA LYS A 274 21.82 -8.29 -8.56
C LYS A 274 23.14 -8.90 -9.02
#